data_8HD3
#
_entry.id   8HD3
#
_cell.length_a   161.032
_cell.length_b   34.408
_cell.length_c   110.830
_cell.angle_alpha   90.000
_cell.angle_beta   91.324
_cell.angle_gamma   90.000
#
_symmetry.space_group_name_H-M   'C 1 2 1'
#
loop_
_entity.id
_entity.type
_entity.pdbx_description
1 polymer 'Farnesoid X Receptor'
2 non-polymer [(3s,5s,7s)-adamantan-1-yl][4-(2-amino-5-chlorophenyl)piperazin-1-yl]methanone
3 water water
#
_entity_poly.entity_id   1
_entity_poly.type   'polypeptide(L)'
_entity_poly.pdbx_seq_one_letter_code
;MGHHHHHHGSTELTPDQQTLLHFIMDSYNKQRMPQEITNKILKEAFSAEENFLILTEMATNHVQVLVEFTKKLPGFQTLD
HEDQIALLKGSAVEAMFLRSAEIFNKKLPSGHSDLLEARIRNSGISDEYITPMFSFYKSIGELKMTQEEYALLTAIVILS
PDRQYIKDREAVEKLQEPLLDVLQKLCKIHQPENPQHFACLLGRLTELRTFNHHHAEMLMSWRVNDHKFTPLLCEIWDVG
SGSGSGSGDHQLLRYLLDKD
;
_entity_poly.pdbx_strand_id   A,B
#
loop_
_chem_comp.id
_chem_comp.type
_chem_comp.name
_chem_comp.formula
XAW non-polymer [(3s,5s,7s)-adamantan-1-yl][4-(2-amino-5-chlorophenyl)piperazin-1-yl]methanone 'C21 H28 Cl N3 O'
#
# COMPACT_ATOMS: atom_id res chain seq x y z
N GLU A 12 -11.45 -40.49 -0.06
CA GLU A 12 -12.85 -40.28 -0.43
C GLU A 12 -13.75 -40.21 0.80
N LEU A 13 -14.76 -39.35 0.73
CA LEU A 13 -15.61 -39.04 1.87
C LEU A 13 -16.83 -39.95 1.92
N THR A 14 -17.24 -40.31 3.13
CA THR A 14 -18.51 -40.95 3.45
C THR A 14 -19.66 -40.14 2.86
N PRO A 15 -20.82 -40.76 2.59
CA PRO A 15 -22.03 -39.95 2.39
C PRO A 15 -22.28 -38.90 3.47
N ASP A 16 -22.17 -39.27 4.75
CA ASP A 16 -22.49 -38.32 5.82
C ASP A 16 -21.45 -37.22 5.97
N GLN A 17 -20.17 -37.55 5.75
CA GLN A 17 -19.17 -36.51 5.71
C GLN A 17 -19.39 -35.54 4.56
N GLN A 18 -19.93 -36.05 3.44
CA GLN A 18 -20.19 -35.20 2.29
C GLN A 18 -21.38 -34.27 2.54
N THR A 19 -22.45 -34.81 3.13
CA THR A 19 -23.55 -33.96 3.58
C THR A 19 -23.05 -32.85 4.50
N LEU A 20 -22.24 -33.21 5.50
CA LEU A 20 -21.72 -32.25 6.45
C LEU A 20 -20.87 -31.19 5.76
N LEU A 21 -19.96 -31.62 4.89
CA LEU A 21 -19.10 -30.68 4.18
C LEU A 21 -19.91 -29.69 3.33
N HIS A 22 -21.05 -30.14 2.76
CA HIS A 22 -21.88 -29.28 1.93
C HIS A 22 -22.67 -28.29 2.76
N PHE A 23 -23.13 -28.69 3.95
CA PHE A 23 -23.71 -27.75 4.90
C PHE A 23 -22.74 -26.63 5.22
N ILE A 24 -21.51 -26.98 5.59
CA ILE A 24 -20.50 -26.02 5.98
C ILE A 24 -20.19 -25.05 4.84
N MET A 25 -19.98 -25.60 3.63
CA MET A 25 -19.57 -24.74 2.51
C MET A 25 -20.69 -23.77 2.13
N ASP A 26 -21.93 -24.24 2.18
CA ASP A 26 -23.07 -23.37 1.88
C ASP A 26 -23.16 -22.20 2.84
N SER A 27 -22.90 -22.45 4.13
CA SER A 27 -22.91 -21.38 5.10
C SER A 27 -21.66 -20.50 4.98
N TYR A 28 -20.50 -21.10 4.76
CA TYR A 28 -19.26 -20.31 4.68
C TYR A 28 -19.30 -19.32 3.52
N ASN A 29 -19.91 -19.72 2.39
CA ASN A 29 -19.90 -18.91 1.19
C ASN A 29 -20.91 -17.77 1.22
N LYS A 30 -21.95 -17.87 2.04
CA LYS A 30 -22.94 -16.82 2.18
C LYS A 30 -22.40 -15.59 2.92
N GLN A 31 -21.09 -15.35 2.88
CA GLN A 31 -20.43 -14.41 3.78
C GLN A 31 -19.38 -13.69 2.96
N ARG A 32 -19.52 -12.36 2.81
CA ARG A 32 -18.50 -11.60 2.09
C ARG A 32 -18.27 -10.26 2.75
N MET A 33 -17.22 -9.58 2.29
CA MET A 33 -16.91 -8.24 2.73
C MET A 33 -17.66 -7.22 1.88
N PRO A 34 -18.42 -6.32 2.48
CA PRO A 34 -19.21 -5.36 1.68
C PRO A 34 -18.35 -4.37 0.92
N GLN A 35 -18.80 -4.04 -0.30
CA GLN A 35 -18.05 -3.16 -1.19
C GLN A 35 -17.79 -1.79 -0.59
N GLU A 36 -18.71 -1.26 0.22
CA GLU A 36 -18.46 0.00 0.92
C GLU A 36 -17.15 -0.06 1.70
N ILE A 37 -16.94 -1.15 2.42
CA ILE A 37 -15.75 -1.29 3.26
C ILE A 37 -14.50 -1.41 2.39
N THR A 38 -14.58 -2.23 1.34
CA THR A 38 -13.47 -2.43 0.42
C THR A 38 -13.07 -1.11 -0.25
N ASN A 39 -14.03 -0.26 -0.58
CA ASN A 39 -13.70 1.00 -1.25
C ASN A 39 -13.02 1.99 -0.31
N LYS A 40 -13.27 1.87 1.00
CA LYS A 40 -12.65 2.80 1.95
C LYS A 40 -11.15 2.64 1.99
N ILE A 41 -10.66 1.44 1.62
CA ILE A 41 -9.21 1.19 1.62
C ILE A 41 -8.50 2.11 0.63
N LEU A 42 -9.18 2.52 -0.43
CA LEU A 42 -8.63 3.52 -1.35
C LEU A 42 -9.13 4.92 -1.04
N LYS A 43 -10.43 5.05 -0.73
CA LYS A 43 -11.05 6.36 -0.66
C LYS A 43 -10.52 7.20 0.50
N GLU A 44 -10.38 6.60 1.69
CA GLU A 44 -10.27 7.41 2.89
C GLU A 44 -8.90 8.08 3.00
N ALA A 45 -8.88 9.23 3.68
CA ALA A 45 -7.64 9.87 4.03
C ALA A 45 -6.74 8.92 4.81
N PHE A 46 -5.43 9.11 4.67
CA PHE A 46 -4.43 8.22 5.28
C PHE A 46 -3.88 8.89 6.54
N SER A 47 -4.58 8.67 7.64
CA SER A 47 -4.14 9.09 8.97
C SER A 47 -4.45 7.98 9.95
N ALA A 48 -3.75 8.02 11.09
CA ALA A 48 -3.89 6.96 12.08
C ALA A 48 -5.34 6.80 12.51
N GLU A 49 -6.06 7.91 12.69
CA GLU A 49 -7.44 7.83 13.12
C GLU A 49 -8.33 7.22 12.05
N GLU A 50 -8.16 7.63 10.78
CA GLU A 50 -9.03 7.08 9.75
C GLU A 50 -8.64 5.65 9.41
N ASN A 51 -7.35 5.31 9.44
CA ASN A 51 -6.95 3.91 9.27
C ASN A 51 -7.54 3.03 10.37
N PHE A 52 -7.49 3.49 11.62
CA PHE A 52 -8.00 2.69 12.74
C PHE A 52 -9.50 2.45 12.60
N LEU A 53 -10.23 3.44 12.09
CA LEU A 53 -11.68 3.31 11.91
C LEU A 53 -12.04 2.37 10.76
N ILE A 54 -11.20 2.26 9.74
CA ILE A 54 -11.46 1.26 8.71
C ILE A 54 -11.33 -0.14 9.31
N LEU A 55 -10.25 -0.38 10.06
CA LEU A 55 -10.03 -1.66 10.73
C LEU A 55 -11.17 -1.99 11.68
N THR A 56 -11.70 -0.99 12.37
CA THR A 56 -12.83 -1.20 13.25
C THR A 56 -14.05 -1.64 12.45
N GLU A 57 -14.28 -1.03 11.28
CA GLU A 57 -15.43 -1.43 10.48
C GLU A 57 -15.25 -2.84 9.92
N MET A 58 -14.04 -3.22 9.55
CA MET A 58 -13.78 -4.58 9.10
C MET A 58 -14.00 -5.60 10.23
N ALA A 59 -13.47 -5.31 11.42
CA ALA A 59 -13.66 -6.22 12.56
C ALA A 59 -15.14 -6.42 12.86
N THR A 60 -15.91 -5.32 12.93
CA THR A 60 -17.36 -5.43 13.14
C THR A 60 -18.04 -6.30 12.09
N ASN A 61 -17.72 -6.08 10.79
CA ASN A 61 -18.30 -6.93 9.75
C ASN A 61 -17.86 -8.39 9.91
N HIS A 62 -16.59 -8.62 10.27
CA HIS A 62 -16.11 -9.98 10.54
C HIS A 62 -16.99 -10.66 11.59
N VAL A 63 -17.29 -9.96 12.69
CA VAL A 63 -18.07 -10.55 13.76
C VAL A 63 -19.51 -10.83 13.31
N GLN A 64 -20.13 -9.90 12.57
CA GLN A 64 -21.48 -10.15 12.05
C GLN A 64 -21.49 -11.39 11.19
N VAL A 65 -20.47 -11.55 10.34
CA VAL A 65 -20.40 -12.71 9.47
C VAL A 65 -20.16 -13.97 10.29
N LEU A 66 -19.26 -13.89 11.28
CA LEU A 66 -19.01 -15.00 12.17
C LEU A 66 -20.27 -15.45 12.88
N VAL A 67 -21.11 -14.51 13.32
CA VAL A 67 -22.34 -14.90 13.98
C VAL A 67 -23.27 -15.66 13.04
N GLU A 68 -23.42 -15.19 11.79
CA GLU A 68 -24.31 -15.89 10.87
C GLU A 68 -23.77 -17.28 10.54
N PHE A 69 -22.47 -17.39 10.27
CA PHE A 69 -21.87 -18.70 10.06
C PHE A 69 -22.15 -19.62 11.26
N THR A 70 -21.87 -19.11 12.48
CA THR A 70 -21.98 -19.92 13.69
C THR A 70 -23.36 -20.51 13.88
N LYS A 71 -24.40 -19.68 13.72
CA LYS A 71 -25.78 -20.14 13.90
C LYS A 71 -26.12 -21.38 13.08
N LYS A 72 -25.52 -21.53 11.90
CA LYS A 72 -25.89 -22.60 10.98
C LYS A 72 -24.98 -23.82 11.05
N LEU A 73 -23.96 -23.79 11.89
CA LEU A 73 -23.15 -24.98 12.12
C LEU A 73 -24.06 -26.12 12.60
N PRO A 74 -23.97 -27.32 12.00
CA PRO A 74 -24.94 -28.39 12.33
C PRO A 74 -24.89 -28.74 13.81
N GLY A 75 -26.04 -28.68 14.46
CA GLY A 75 -26.13 -28.93 15.89
C GLY A 75 -25.95 -27.72 16.78
N PHE A 76 -25.45 -26.60 16.26
CA PHE A 76 -25.16 -25.45 17.13
C PHE A 76 -26.43 -24.96 17.82
N GLN A 77 -27.54 -24.97 17.10
CA GLN A 77 -28.85 -24.60 17.63
C GLN A 77 -29.35 -25.55 18.72
N THR A 78 -28.82 -26.78 18.81
CA THR A 78 -29.26 -27.68 19.87
C THR A 78 -28.46 -27.54 21.17
N LEU A 79 -27.62 -26.52 21.31
CA LEU A 79 -26.95 -26.26 22.57
C LEU A 79 -27.70 -25.22 23.39
N ASP A 80 -27.43 -25.24 24.69
CA ASP A 80 -27.96 -24.23 25.61
C ASP A 80 -27.62 -22.82 25.14
N HIS A 81 -28.58 -21.90 25.30
CA HIS A 81 -28.33 -20.53 24.85
C HIS A 81 -27.07 -19.95 25.50
N GLU A 82 -26.84 -20.26 26.78
CA GLU A 82 -25.64 -19.74 27.42
C GLU A 82 -24.36 -20.34 26.85
N ASP A 83 -24.38 -21.63 26.46
CA ASP A 83 -23.20 -22.20 25.84
C ASP A 83 -22.99 -21.67 24.43
N GLN A 84 -24.08 -21.40 23.69
CA GLN A 84 -23.96 -20.71 22.41
C GLN A 84 -23.19 -19.40 22.57
N ILE A 85 -23.58 -18.58 23.56
CA ILE A 85 -22.88 -17.32 23.83
C ILE A 85 -21.41 -17.57 24.12
N ALA A 86 -21.13 -18.61 24.92
CA ALA A 86 -19.75 -18.86 25.36
C ALA A 86 -18.86 -19.31 24.21
N LEU A 87 -19.41 -20.02 23.23
CA LEU A 87 -18.60 -20.38 22.07
C LEU A 87 -18.34 -19.17 21.18
N LEU A 88 -19.36 -18.34 20.95
CA LEU A 88 -19.20 -17.10 20.21
C LEU A 88 -18.12 -16.20 20.81
N LYS A 89 -18.26 -15.87 22.10
CA LYS A 89 -17.26 -15.03 22.80
C LYS A 89 -15.88 -15.67 22.74
N GLY A 90 -15.79 -16.96 23.05
CA GLY A 90 -14.47 -17.59 23.13
C GLY A 90 -13.74 -17.69 21.81
N SER A 91 -14.47 -17.81 20.70
CA SER A 91 -13.80 -18.06 19.42
C SER A 91 -13.60 -16.83 18.57
N ALA A 92 -14.13 -15.66 18.98
CA ALA A 92 -14.21 -14.51 18.05
C ALA A 92 -12.84 -14.07 17.58
N VAL A 93 -11.90 -13.93 18.51
CA VAL A 93 -10.57 -13.41 18.17
C VAL A 93 -9.87 -14.34 17.19
N GLU A 94 -9.87 -15.64 17.50
CA GLU A 94 -9.26 -16.61 16.61
C GLU A 94 -9.98 -16.67 15.25
N ALA A 95 -11.30 -16.63 15.26
CA ALA A 95 -12.01 -16.73 13.98
C ALA A 95 -11.76 -15.48 13.14
N MET A 96 -11.60 -14.32 13.80
CA MET A 96 -11.30 -13.10 13.07
C MET A 96 -9.92 -13.16 12.43
N PHE A 97 -8.93 -13.68 13.15
CA PHE A 97 -7.60 -13.71 12.54
C PHE A 97 -7.52 -14.76 11.43
N LEU A 98 -8.25 -15.87 11.58
CA LEU A 98 -8.27 -16.85 10.51
C LEU A 98 -8.94 -16.28 9.27
N ARG A 99 -10.08 -15.61 9.45
CA ARG A 99 -10.77 -15.04 8.30
C ARG A 99 -9.96 -13.91 7.66
N SER A 100 -9.36 -13.03 8.47
CA SER A 100 -8.56 -11.97 7.88
C SER A 100 -7.40 -12.54 7.08
N ALA A 101 -6.84 -13.67 7.53
CA ALA A 101 -5.77 -14.31 6.78
C ALA A 101 -6.25 -14.78 5.41
N GLU A 102 -7.42 -15.41 5.37
CA GLU A 102 -8.00 -15.82 4.10
C GLU A 102 -8.17 -14.62 3.18
N ILE A 103 -8.81 -13.57 3.68
CA ILE A 103 -9.02 -12.36 2.89
C ILE A 103 -7.70 -11.86 2.34
N PHE A 104 -6.74 -11.62 3.24
CA PHE A 104 -5.46 -11.04 2.86
C PHE A 104 -4.72 -11.92 1.86
N ASN A 105 -4.83 -13.23 1.97
CA ASN A 105 -4.06 -14.11 1.09
C ASN A 105 -4.80 -14.52 -0.17
N LYS A 106 -6.13 -14.54 -0.15
CA LYS A 106 -6.83 -15.18 -1.25
C LYS A 106 -7.88 -14.30 -1.92
N LYS A 107 -8.54 -13.42 -1.16
CA LYS A 107 -9.68 -12.69 -1.70
C LYS A 107 -9.31 -11.34 -2.31
N LEU A 108 -8.37 -10.59 -1.67
CA LEU A 108 -8.14 -9.22 -2.15
C LEU A 108 -7.24 -9.22 -3.39
N PRO A 109 -7.53 -8.37 -4.37
CA PRO A 109 -6.47 -8.01 -5.34
C PRO A 109 -5.20 -7.56 -4.61
N SER A 110 -4.05 -7.77 -5.27
CA SER A 110 -2.76 -7.42 -4.67
C SER A 110 -2.66 -5.95 -4.30
N GLY A 111 -3.30 -5.07 -5.08
CA GLY A 111 -3.26 -3.65 -4.75
C GLY A 111 -4.08 -3.34 -3.51
N HIS A 112 -5.23 -3.99 -3.36
CA HIS A 112 -6.01 -3.83 -2.15
C HIS A 112 -5.22 -4.31 -0.93
N SER A 113 -4.55 -5.45 -1.08
CA SER A 113 -3.82 -6.05 0.02
C SER A 113 -2.61 -5.20 0.41
N ASP A 114 -1.90 -4.65 -0.57
CA ASP A 114 -0.76 -3.77 -0.28
C ASP A 114 -1.19 -2.54 0.50
N LEU A 115 -2.23 -1.86 0.02
CA LEU A 115 -2.72 -0.65 0.68
C LEU A 115 -3.30 -0.96 2.06
N LEU A 116 -4.13 -2.00 2.15
CA LEU A 116 -4.66 -2.40 3.46
C LEU A 116 -3.54 -2.65 4.47
N GLU A 117 -2.46 -3.32 4.05
CA GLU A 117 -1.33 -3.53 4.97
C GLU A 117 -0.71 -2.21 5.40
N ALA A 118 -0.54 -1.28 4.47
CA ALA A 118 0.00 0.04 4.80
C ALA A 118 -0.88 0.76 5.81
N ARG A 119 -2.20 0.61 5.69
CA ARG A 119 -3.09 1.28 6.64
C ARG A 119 -3.03 0.61 8.01
N ILE A 120 -2.92 -0.71 8.04
CA ILE A 120 -2.79 -1.43 9.31
C ILE A 120 -1.50 -1.03 10.02
N ARG A 121 -0.41 -0.89 9.27
CA ARG A 121 0.88 -0.53 9.84
C ARG A 121 0.93 0.93 10.27
N ASN A 122 -0.13 1.70 10.04
CA ASN A 122 -0.14 3.13 10.28
C ASN A 122 -1.47 3.51 10.90
N SER A 123 -1.87 2.72 11.89
CA SER A 123 -3.12 2.92 12.61
C SER A 123 -2.90 3.10 14.11
N GLY A 124 -1.68 3.43 14.53
CA GLY A 124 -1.38 3.60 15.96
C GLY A 124 -1.26 2.32 16.76
N ILE A 125 -1.36 1.16 16.12
CA ILE A 125 -1.07 -0.11 16.78
C ILE A 125 0.44 -0.32 16.79
N SER A 126 0.98 -0.69 17.94
CA SER A 126 2.42 -0.87 18.06
C SER A 126 2.88 -2.08 17.25
N ASP A 127 4.14 -2.03 16.81
CA ASP A 127 4.67 -3.05 15.93
C ASP A 127 4.84 -4.41 16.62
N GLU A 128 4.74 -4.47 17.96
CA GLU A 128 4.86 -5.76 18.62
C GLU A 128 3.62 -6.62 18.44
N TYR A 129 2.51 -6.02 18.03
CA TYR A 129 1.33 -6.77 17.64
C TYR A 129 1.20 -6.93 16.13
N ILE A 130 1.74 -6.00 15.35
CA ILE A 130 1.58 -6.07 13.89
C ILE A 130 2.40 -7.21 13.33
N THR A 131 3.69 -7.24 13.62
CA THR A 131 4.56 -8.24 12.99
C THR A 131 4.12 -9.69 13.27
N PRO A 132 3.65 -10.07 14.47
CA PRO A 132 3.10 -11.43 14.60
C PRO A 132 1.91 -11.68 13.70
N MET A 133 1.01 -10.70 13.57
CA MET A 133 -0.13 -10.81 12.67
C MET A 133 0.32 -11.15 11.24
N PHE A 134 1.27 -10.39 10.70
CA PHE A 134 1.71 -10.62 9.32
C PHE A 134 2.60 -11.84 9.17
N SER A 135 3.40 -12.15 10.19
CA SER A 135 4.15 -13.39 10.17
C SER A 135 3.20 -14.59 10.08
N PHE A 136 2.09 -14.52 10.82
CA PHE A 136 1.07 -15.57 10.74
C PHE A 136 0.42 -15.60 9.36
N TYR A 137 0.13 -14.42 8.78
CA TYR A 137 -0.48 -14.38 7.45
C TYR A 137 0.41 -15.03 6.42
N LYS A 138 1.71 -14.79 6.52
CA LYS A 138 2.62 -15.40 5.56
C LYS A 138 2.73 -16.90 5.82
N SER A 139 2.84 -17.29 7.09
CA SER A 139 2.89 -18.71 7.44
C SER A 139 1.62 -19.44 7.01
N ILE A 140 0.47 -18.78 7.09
CA ILE A 140 -0.78 -19.39 6.62
C ILE A 140 -0.79 -19.50 5.11
N GLY A 141 -0.28 -18.46 4.42
CA GLY A 141 -0.32 -18.45 2.98
C GLY A 141 0.57 -19.49 2.32
N GLU A 142 1.69 -19.85 2.96
CA GLU A 142 2.55 -20.86 2.37
C GLU A 142 1.94 -22.26 2.43
N LEU A 143 0.95 -22.48 3.28
CA LEU A 143 0.22 -23.73 3.27
C LEU A 143 -0.70 -23.87 2.05
N LYS A 144 -1.05 -22.75 1.42
CA LYS A 144 -1.83 -22.73 0.19
C LYS A 144 -3.12 -23.55 0.35
N MET A 145 -3.97 -23.07 1.27
CA MET A 145 -5.18 -23.78 1.63
C MET A 145 -6.31 -23.49 0.64
N THR A 146 -7.12 -24.52 0.39
CA THR A 146 -8.38 -24.37 -0.33
C THR A 146 -9.43 -23.69 0.55
N GLN A 147 -10.54 -23.30 -0.08
CA GLN A 147 -11.65 -22.73 0.66
C GLN A 147 -12.19 -23.69 1.71
N GLU A 148 -12.25 -24.99 1.37
CA GLU A 148 -12.83 -25.95 2.30
C GLU A 148 -11.99 -26.11 3.57
N GLU A 149 -10.67 -25.95 3.46
CA GLU A 149 -9.81 -26.06 4.64
C GLU A 149 -10.02 -24.86 5.57
N TYR A 150 -10.14 -23.64 5.02
CA TYR A 150 -10.48 -22.47 5.82
C TYR A 150 -11.85 -22.63 6.46
N ALA A 151 -12.84 -23.12 5.71
CA ALA A 151 -14.19 -23.28 6.24
C ALA A 151 -14.21 -24.29 7.37
N LEU A 152 -13.55 -25.44 7.21
CA LEU A 152 -13.55 -26.45 8.26
C LEU A 152 -12.74 -26.01 9.47
N LEU A 153 -11.59 -25.37 9.22
CA LEU A 153 -10.77 -24.89 10.32
C LEU A 153 -11.52 -23.87 11.15
N THR A 154 -12.29 -23.00 10.49
CA THR A 154 -13.11 -22.04 11.22
C THR A 154 -14.21 -22.75 12.02
N ALA A 155 -14.89 -23.75 11.45
CA ALA A 155 -15.87 -24.50 12.25
C ALA A 155 -15.20 -25.15 13.46
N ILE A 156 -13.97 -25.64 13.30
CA ILE A 156 -13.32 -26.39 14.36
C ILE A 156 -12.92 -25.45 15.50
N VAL A 157 -12.38 -24.27 15.14
CA VAL A 157 -12.11 -23.20 16.09
C VAL A 157 -13.36 -22.79 16.86
N ILE A 158 -14.50 -22.70 16.18
CA ILE A 158 -15.72 -22.19 16.83
C ILE A 158 -16.30 -23.24 17.77
N LEU A 159 -16.27 -24.51 17.38
CA LEU A 159 -16.85 -25.57 18.21
C LEU A 159 -15.80 -26.19 19.11
N SER A 160 -15.08 -25.37 19.85
CA SER A 160 -13.96 -25.83 20.66
C SER A 160 -14.47 -26.16 22.07
N PRO A 161 -14.35 -27.41 22.55
CA PRO A 161 -14.89 -27.72 23.89
C PRO A 161 -14.08 -27.13 25.05
N ASP A 162 -13.02 -26.36 24.79
CA ASP A 162 -12.11 -25.84 25.82
C ASP A 162 -12.37 -24.38 26.23
N ARG A 163 -13.36 -23.70 25.65
CA ARG A 163 -13.61 -22.32 26.03
C ARG A 163 -14.09 -22.21 27.49
N GLN A 164 -13.82 -21.06 28.10
CA GLN A 164 -14.39 -20.76 29.41
C GLN A 164 -15.90 -20.74 29.34
N TYR A 165 -16.55 -21.09 30.46
CA TYR A 165 -17.99 -20.94 30.74
C TYR A 165 -18.88 -21.92 29.99
N ILE A 166 -18.34 -22.96 29.37
CA ILE A 166 -19.20 -23.97 28.75
C ILE A 166 -19.68 -24.92 29.84
N LYS A 167 -21.00 -25.10 29.94
CA LYS A 167 -21.59 -26.00 30.92
C LYS A 167 -21.49 -27.46 30.48
N ASP A 168 -21.74 -27.73 29.21
CA ASP A 168 -21.82 -29.10 28.67
C ASP A 168 -20.77 -29.25 27.57
N ARG A 169 -19.54 -29.56 27.98
CA ARG A 169 -18.46 -29.63 27.03
C ARG A 169 -18.55 -30.87 26.15
N GLU A 170 -19.18 -31.94 26.66
CA GLU A 170 -19.33 -33.14 25.85
C GLU A 170 -20.22 -32.89 24.65
N ALA A 171 -21.28 -32.08 24.80
CA ALA A 171 -22.10 -31.75 23.65
C ALA A 171 -21.30 -31.03 22.57
N VAL A 172 -20.34 -30.18 22.98
CA VAL A 172 -19.55 -29.44 21.99
C VAL A 172 -18.55 -30.36 21.32
N GLU A 173 -17.87 -31.21 22.11
CA GLU A 173 -16.89 -32.09 21.48
C GLU A 173 -17.52 -33.04 20.50
N LYS A 174 -18.76 -33.47 20.75
CA LYS A 174 -19.40 -34.40 19.83
C LYS A 174 -19.73 -33.73 18.49
N LEU A 175 -19.99 -32.41 18.49
CA LEU A 175 -20.12 -31.69 17.22
C LEU A 175 -18.76 -31.45 16.58
N GLN A 176 -17.71 -31.23 17.37
CA GLN A 176 -16.42 -30.90 16.78
C GLN A 176 -15.73 -32.11 16.15
N GLU A 177 -15.98 -33.30 16.67
CA GLU A 177 -15.25 -34.50 16.24
C GLU A 177 -15.46 -34.85 14.77
N PRO A 178 -16.69 -34.81 14.21
CA PRO A 178 -16.83 -35.11 12.77
C PRO A 178 -16.14 -34.11 11.85
N LEU A 179 -16.08 -32.82 12.23
CA LEU A 179 -15.37 -31.84 11.41
C LEU A 179 -13.88 -32.16 11.34
N LEU A 180 -13.30 -32.69 12.42
CA LEU A 180 -11.86 -33.01 12.37
C LEU A 180 -11.60 -34.20 11.45
N ASP A 181 -12.49 -35.18 11.42
CA ASP A 181 -12.32 -36.29 10.48
C ASP A 181 -12.35 -35.80 9.04
N VAL A 182 -13.38 -35.01 8.70
CA VAL A 182 -13.51 -34.46 7.36
C VAL A 182 -12.25 -33.68 6.97
N LEU A 183 -11.75 -32.83 7.88
CA LEU A 183 -10.56 -32.06 7.57
C LEU A 183 -9.38 -32.97 7.18
N GLN A 184 -9.16 -34.04 7.96
CA GLN A 184 -8.04 -34.93 7.67
C GLN A 184 -8.17 -35.55 6.27
N LYS A 185 -9.37 -35.98 5.90
CA LYS A 185 -9.57 -36.50 4.54
C LYS A 185 -9.35 -35.42 3.48
N LEU A 186 -9.84 -34.20 3.74
CA LEU A 186 -9.65 -33.12 2.78
C LEU A 186 -8.17 -32.85 2.53
N CYS A 187 -7.34 -32.91 3.58
CA CYS A 187 -5.90 -32.75 3.40
C CYS A 187 -5.31 -33.85 2.52
N LYS A 188 -5.80 -35.08 2.66
CA LYS A 188 -5.39 -36.15 1.76
C LYS A 188 -5.79 -35.85 0.33
N ILE A 189 -7.00 -35.33 0.14
CA ILE A 189 -7.55 -35.15 -1.20
C ILE A 189 -6.87 -33.99 -1.93
N HIS A 190 -6.75 -32.83 -1.26
CA HIS A 190 -6.23 -31.64 -1.93
C HIS A 190 -4.72 -31.45 -1.76
N GLN A 191 -4.10 -32.11 -0.77
CA GLN A 191 -2.65 -32.01 -0.57
C GLN A 191 -2.00 -33.39 -0.52
N PRO A 192 -2.24 -34.24 -1.53
CA PRO A 192 -1.78 -35.63 -1.43
C PRO A 192 -0.27 -35.77 -1.45
N GLU A 193 0.43 -34.80 -2.05
CA GLU A 193 1.88 -34.78 -2.00
C GLU A 193 2.40 -34.77 -0.56
N ASN A 194 1.75 -34.00 0.33
CA ASN A 194 2.28 -33.70 1.67
C ASN A 194 1.45 -34.36 2.77
N PRO A 195 1.85 -35.52 3.29
CA PRO A 195 1.03 -36.23 4.27
C PRO A 195 1.09 -35.67 5.68
N GLN A 196 1.93 -34.66 5.91
CA GLN A 196 1.97 -33.91 7.16
C GLN A 196 1.21 -32.59 7.08
N HIS A 197 0.52 -32.34 5.95
CA HIS A 197 -0.27 -31.13 5.79
C HIS A 197 -1.26 -30.93 6.93
N PHE A 198 -2.02 -31.99 7.26
CA PHE A 198 -3.01 -31.92 8.31
C PHE A 198 -2.37 -31.51 9.64
N ALA A 199 -1.16 -31.98 9.90
CA ALA A 199 -0.46 -31.63 11.12
C ALA A 199 0.05 -30.21 11.08
N CYS A 200 0.46 -29.71 9.90
CA CYS A 200 0.81 -28.29 9.77
C CYS A 200 -0.42 -27.40 9.95
N LEU A 201 -1.58 -27.84 9.47
CA LEU A 201 -2.81 -27.07 9.72
C LEU A 201 -3.06 -26.93 11.22
N LEU A 202 -3.16 -28.07 11.92
CA LEU A 202 -3.39 -28.02 13.35
C LEU A 202 -2.26 -27.30 14.08
N GLY A 203 -1.05 -27.31 13.51
CA GLY A 203 0.03 -26.52 14.10
C GLY A 203 -0.23 -25.03 14.03
N ARG A 204 -0.84 -24.56 12.93
CA ARG A 204 -1.18 -23.14 12.86
C ARG A 204 -2.42 -22.84 13.70
N LEU A 205 -3.18 -23.85 14.13
CA LEU A 205 -4.19 -23.61 15.17
C LEU A 205 -3.54 -23.19 16.48
N THR A 206 -2.38 -23.78 16.77
CA THR A 206 -1.60 -23.41 17.93
C THR A 206 -1.12 -21.97 17.83
N GLU A 207 -0.52 -21.61 16.68
CA GLU A 207 -0.13 -20.23 16.46
C GLU A 207 -1.34 -19.29 16.57
N LEU A 208 -2.51 -19.73 16.08
CA LEU A 208 -3.70 -18.89 16.10
C LEU A 208 -4.12 -18.55 17.53
N ARG A 209 -4.14 -19.55 18.41
CA ARG A 209 -4.54 -19.31 19.79
C ARG A 209 -3.65 -18.30 20.52
N THR A 210 -2.40 -18.11 20.07
CA THR A 210 -1.54 -17.09 20.70
C THR A 210 -2.12 -15.69 20.56
N PHE A 211 -3.02 -15.48 19.60
CA PHE A 211 -3.58 -14.16 19.39
C PHE A 211 -4.64 -13.79 20.43
N ASN A 212 -5.15 -14.77 21.18
CA ASN A 212 -5.99 -14.41 22.32
C ASN A 212 -5.24 -13.49 23.28
N HIS A 213 -3.96 -13.79 23.56
CA HIS A 213 -3.16 -12.95 24.46
C HIS A 213 -2.70 -11.67 23.77
N HIS A 214 -2.19 -11.76 22.52
CA HIS A 214 -1.82 -10.56 21.78
C HIS A 214 -2.97 -9.55 21.75
N HIS A 215 -4.18 -10.04 21.54
CA HIS A 215 -5.34 -9.16 21.40
C HIS A 215 -5.73 -8.53 22.73
N ALA A 216 -5.79 -9.34 23.80
CA ALA A 216 -5.96 -8.81 25.16
C ALA A 216 -4.95 -7.70 25.46
N GLU A 217 -3.67 -7.92 25.14
CA GLU A 217 -2.65 -6.87 25.33
C GLU A 217 -2.96 -5.64 24.49
N MET A 218 -3.38 -5.86 23.23
CA MET A 218 -3.69 -4.76 22.32
C MET A 218 -4.82 -3.91 22.85
N LEU A 219 -5.88 -4.54 23.35
CA LEU A 219 -6.96 -3.76 23.95
C LEU A 219 -6.51 -3.00 25.19
N MET A 220 -5.43 -3.41 25.86
CA MET A 220 -4.94 -2.64 27.01
C MET A 220 -4.14 -1.42 26.62
N SER A 221 -3.64 -1.37 25.39
CA SER A 221 -2.77 -0.29 24.95
C SER A 221 -3.43 1.07 25.13
N TRP A 222 -2.62 2.07 25.48
CA TRP A 222 -3.15 3.41 25.67
C TRP A 222 -3.63 4.03 24.34
N ARG A 223 -2.94 3.74 23.23
CA ARG A 223 -3.45 4.18 21.92
C ARG A 223 -4.84 3.65 21.65
N VAL A 224 -5.04 2.35 21.86
CA VAL A 224 -6.30 1.74 21.46
C VAL A 224 -7.44 2.24 22.35
N ASN A 225 -7.16 2.54 23.62
CA ASN A 225 -8.18 3.04 24.52
C ASN A 225 -8.49 4.51 24.31
N ASP A 226 -7.77 5.21 23.45
CA ASP A 226 -8.16 6.54 23.01
C ASP A 226 -9.33 6.44 22.02
N HIS A 227 -10.12 5.36 22.08
CA HIS A 227 -11.06 5.09 21.00
C HIS A 227 -12.34 4.41 21.48
N LYS A 228 -13.43 4.74 20.78
CA LYS A 228 -14.79 4.24 21.00
C LYS A 228 -15.06 3.12 20.01
N PHE A 229 -15.13 1.89 20.49
CA PHE A 229 -15.43 0.78 19.61
C PHE A 229 -16.91 0.77 19.24
N THR A 230 -17.26 -0.05 18.26
CA THR A 230 -18.63 -0.19 17.81
C THR A 230 -19.42 -0.98 18.85
N PRO A 231 -20.80 -0.85 18.84
CA PRO A 231 -21.64 -1.67 19.73
C PRO A 231 -21.23 -3.15 19.79
N LEU A 232 -21.12 -3.77 18.62
CA LEU A 232 -20.87 -5.22 18.54
C LEU A 232 -19.50 -5.60 19.08
N LEU A 233 -18.45 -4.84 18.74
CA LEU A 233 -17.13 -5.19 19.27
C LEU A 233 -17.08 -5.04 20.79
N CYS A 234 -17.76 -4.03 21.34
CA CYS A 234 -17.74 -3.85 22.79
C CYS A 234 -18.34 -5.06 23.50
N GLU A 235 -19.37 -5.65 22.92
CA GLU A 235 -20.05 -6.76 23.58
C GLU A 235 -19.25 -8.05 23.46
N ILE A 236 -18.77 -8.37 22.26
CA ILE A 236 -18.11 -9.66 22.07
C ILE A 236 -16.69 -9.66 22.61
N TRP A 237 -16.04 -8.51 22.68
CA TRP A 237 -14.68 -8.44 23.24
C TRP A 237 -14.65 -7.99 24.69
N ASP A 238 -15.79 -7.87 25.37
CA ASP A 238 -15.82 -7.46 26.79
C ASP A 238 -15.01 -6.18 27.03
N VAL A 239 -15.08 -5.22 26.10
CA VAL A 239 -14.21 -4.05 26.20
C VAL A 239 -14.39 -3.35 27.55
N GLY A 240 -15.63 -2.98 27.88
CA GLY A 240 -15.90 -2.45 29.20
C GLY A 240 -16.80 -3.40 29.98
N SER A 241 -17.39 -4.34 29.26
CA SER A 241 -18.39 -5.25 29.81
C SER A 241 -17.76 -6.16 30.87
N GLY A 242 -18.61 -6.98 31.48
CA GLY A 242 -18.14 -8.05 32.32
C GLY A 242 -17.94 -9.33 31.50
N SER A 243 -16.97 -10.13 31.95
CA SER A 243 -16.71 -11.42 31.32
C SER A 243 -17.66 -12.49 31.86
N GLY A 244 -17.89 -13.53 31.05
CA GLY A 244 -18.86 -14.56 31.33
C GLY A 244 -19.72 -14.82 30.10
N SER A 245 -20.78 -15.60 30.28
CA SER A 245 -21.70 -15.90 29.18
C SER A 245 -23.17 -15.82 29.62
N GLY A 246 -23.50 -14.91 30.55
CA GLY A 246 -24.86 -14.83 31.05
C GLY A 246 -25.79 -14.24 30.00
N SER A 247 -27.01 -14.79 29.93
CA SER A 247 -27.96 -14.32 28.92
C SER A 247 -28.27 -12.84 29.10
N GLY A 248 -28.49 -12.41 30.34
CA GLY A 248 -28.81 -11.03 30.62
C GLY A 248 -27.72 -10.04 30.29
N ASP A 249 -26.47 -10.49 30.21
CA ASP A 249 -25.33 -9.60 30.02
C ASP A 249 -24.98 -9.37 28.55
N HIS A 250 -25.69 -10.01 27.62
CA HIS A 250 -25.35 -9.99 26.21
C HIS A 250 -26.62 -9.91 25.36
N GLN A 251 -27.38 -8.83 25.54
CA GLN A 251 -28.60 -8.66 24.76
C GLN A 251 -28.30 -8.57 23.26
N LEU A 252 -27.24 -7.85 22.89
CA LEU A 252 -26.91 -7.70 21.48
C LEU A 252 -26.57 -9.05 20.84
N LEU A 253 -25.73 -9.86 21.50
CA LEU A 253 -25.37 -11.16 20.95
C LEU A 253 -26.60 -12.07 20.87
N ARG A 254 -27.44 -12.04 21.89
CA ARG A 254 -28.67 -12.85 21.87
C ARG A 254 -29.55 -12.44 20.71
N TYR A 255 -29.76 -11.14 20.55
CA TYR A 255 -30.51 -10.66 19.38
C TYR A 255 -29.92 -11.20 18.08
N LEU A 256 -28.61 -11.07 17.87
CA LEU A 256 -28.06 -11.57 16.60
C LEU A 256 -28.16 -13.08 16.51
N LEU A 257 -28.04 -13.78 17.64
CA LEU A 257 -28.19 -15.24 17.60
C LEU A 257 -29.61 -15.65 17.23
N ASP A 258 -30.62 -14.92 17.70
CA ASP A 258 -32.00 -15.30 17.42
C ASP A 258 -32.50 -14.79 16.08
N LYS A 259 -31.63 -14.13 15.32
CA LYS A 259 -31.76 -13.83 13.89
C LYS A 259 -32.34 -12.45 13.64
N GLU B 12 39.23 14.18 -4.95
CA GLU B 12 39.28 15.53 -4.37
C GLU B 12 38.95 16.59 -5.42
N LEU B 13 37.98 17.45 -5.10
CA LEU B 13 37.49 18.45 -6.03
C LEU B 13 38.39 19.67 -6.08
N THR B 14 38.32 20.37 -7.21
CA THR B 14 38.91 21.69 -7.40
C THR B 14 38.23 22.69 -6.46
N PRO B 15 38.89 23.81 -6.15
CA PRO B 15 38.14 24.91 -5.52
C PRO B 15 36.90 25.33 -6.30
N ASP B 16 37.02 25.53 -7.62
CA ASP B 16 35.87 25.98 -8.41
C ASP B 16 34.82 24.89 -8.55
N GLN B 17 35.23 23.63 -8.64
CA GLN B 17 34.26 22.55 -8.63
C GLN B 17 33.47 22.53 -7.33
N GLN B 18 34.13 22.87 -6.22
CA GLN B 18 33.46 22.90 -4.92
C GLN B 18 32.45 24.04 -4.84
N THR B 19 32.82 25.23 -5.32
CA THR B 19 31.87 26.34 -5.43
C THR B 19 30.68 25.99 -6.34
N LEU B 20 30.95 25.36 -7.48
CA LEU B 20 29.84 24.97 -8.35
C LEU B 20 28.92 23.99 -7.65
N LEU B 21 29.50 22.99 -6.98
CA LEU B 21 28.69 21.97 -6.31
C LEU B 21 27.80 22.57 -5.22
N HIS B 22 28.30 23.58 -4.51
CA HIS B 22 27.55 24.17 -3.40
C HIS B 22 26.41 25.04 -3.89
N PHE B 23 26.64 25.80 -4.97
CA PHE B 23 25.54 26.44 -5.69
C PHE B 23 24.43 25.45 -6.00
N ILE B 24 24.79 24.30 -6.54
CA ILE B 24 23.81 23.33 -7.02
C ILE B 24 23.03 22.73 -5.86
N MET B 25 23.75 22.33 -4.80
CA MET B 25 23.12 21.73 -3.63
C MET B 25 22.20 22.72 -2.94
N ASP B 26 22.65 23.97 -2.79
CA ASP B 26 21.79 24.99 -2.20
C ASP B 26 20.51 25.14 -3.01
N SER B 27 20.63 25.26 -4.34
CA SER B 27 19.45 25.36 -5.20
C SER B 27 18.56 24.13 -5.06
N TYR B 28 19.17 22.94 -5.07
CA TYR B 28 18.40 21.70 -5.04
C TYR B 28 17.62 21.55 -3.73
N ASN B 29 18.21 21.95 -2.60
CA ASN B 29 17.60 21.77 -1.29
C ASN B 29 16.54 22.83 -0.98
N LYS B 30 16.49 23.93 -1.74
CA LYS B 30 15.49 24.96 -1.50
C LYS B 30 14.18 24.57 -2.18
N GLN B 31 13.46 23.64 -1.54
CA GLN B 31 12.14 23.21 -1.98
C GLN B 31 11.55 22.40 -0.84
N ARG B 32 10.24 22.21 -0.87
CA ARG B 32 9.54 21.48 0.18
C ARG B 32 8.66 20.37 -0.40
N MET B 33 9.20 19.67 -1.42
CA MET B 33 8.43 18.67 -2.16
C MET B 33 7.96 17.50 -1.31
N PRO B 34 8.81 16.82 -0.53
CA PRO B 34 8.32 15.71 0.30
C PRO B 34 7.11 16.10 1.15
N GLN B 35 7.12 17.29 1.75
CA GLN B 35 6.01 17.76 2.57
C GLN B 35 4.79 18.09 1.71
N GLU B 36 4.97 18.76 0.57
CA GLU B 36 3.86 19.00 -0.34
C GLU B 36 3.19 17.70 -0.76
N ILE B 37 3.99 16.73 -1.21
CA ILE B 37 3.48 15.41 -1.57
C ILE B 37 2.74 14.78 -0.39
N THR B 38 3.35 14.81 0.80
CA THR B 38 2.73 14.20 1.97
C THR B 38 1.37 14.81 2.30
N ASN B 39 1.19 16.12 2.09
CA ASN B 39 -0.11 16.73 2.33
C ASN B 39 -1.20 16.15 1.42
N LYS B 40 -0.83 15.57 0.28
CA LYS B 40 -1.81 15.00 -0.62
C LYS B 40 -2.48 13.74 -0.06
N ILE B 41 -1.88 13.06 0.92
CA ILE B 41 -2.49 11.84 1.45
C ILE B 41 -3.59 12.14 2.45
N LEU B 42 -3.69 13.38 2.94
CA LEU B 42 -4.77 13.78 3.82
C LEU B 42 -6.08 13.99 3.07
N LYS B 43 -6.10 13.80 1.75
CA LYS B 43 -7.28 14.04 0.95
C LYS B 43 -8.03 12.73 0.71
N GLU B 44 -9.36 12.82 0.72
CA GLU B 44 -10.22 11.72 0.28
C GLU B 44 -10.33 11.73 -1.23
N ALA B 45 -10.32 10.54 -1.82
CA ALA B 45 -10.35 10.40 -3.26
C ALA B 45 -10.61 8.96 -3.65
N PHE B 46 -11.62 8.73 -4.48
CA PHE B 46 -11.96 7.39 -4.95
C PHE B 46 -12.06 7.30 -6.46
N SER B 47 -12.78 8.20 -7.11
CA SER B 47 -13.00 8.06 -8.55
C SER B 47 -11.70 8.29 -9.33
N ALA B 48 -11.68 7.82 -10.57
CA ALA B 48 -10.55 8.13 -11.44
C ALA B 48 -10.28 9.63 -11.48
N GLU B 49 -11.33 10.44 -11.42
CA GLU B 49 -11.18 11.89 -11.54
C GLU B 49 -10.55 12.50 -10.29
N GLU B 50 -11.01 12.08 -9.10
CA GLU B 50 -10.44 12.62 -7.88
C GLU B 50 -8.98 12.22 -7.71
N ASN B 51 -8.64 10.99 -8.09
CA ASN B 51 -7.24 10.55 -8.00
C ASN B 51 -6.35 11.33 -8.97
N PHE B 52 -6.78 11.40 -10.24
CA PHE B 52 -6.04 12.14 -11.27
C PHE B 52 -5.81 13.58 -10.88
N LEU B 53 -6.80 14.22 -10.23
CA LEU B 53 -6.64 15.57 -9.73
C LEU B 53 -5.50 15.67 -8.71
N ILE B 54 -5.29 14.62 -7.91
CA ILE B 54 -4.14 14.65 -6.99
C ILE B 54 -2.84 14.50 -7.77
N LEU B 55 -2.84 13.64 -8.79
CA LEU B 55 -1.66 13.48 -9.63
C LEU B 55 -1.24 14.80 -10.26
N THR B 56 -2.20 15.60 -10.74
CA THR B 56 -1.85 16.83 -11.44
C THR B 56 -1.36 17.90 -10.47
N GLU B 57 -1.81 17.85 -9.21
CA GLU B 57 -1.27 18.79 -8.24
C GLU B 57 0.20 18.47 -7.93
N MET B 58 0.53 17.18 -7.82
CA MET B 58 1.92 16.81 -7.61
C MET B 58 2.79 17.22 -8.80
N ALA B 59 2.33 16.94 -10.02
CA ALA B 59 3.04 17.35 -11.24
C ALA B 59 3.20 18.87 -11.31
N THR B 60 2.14 19.62 -11.02
CA THR B 60 2.23 21.07 -10.96
C THR B 60 3.35 21.50 -10.01
N ASN B 61 3.37 20.94 -8.80
CA ASN B 61 4.40 21.31 -7.82
C ASN B 61 5.78 20.91 -8.29
N HIS B 62 5.92 19.76 -8.95
CA HIS B 62 7.18 19.38 -9.58
C HIS B 62 7.65 20.46 -10.57
N VAL B 63 6.72 21.00 -11.37
CA VAL B 63 7.14 21.93 -12.41
C VAL B 63 7.55 23.27 -11.82
N GLN B 64 6.75 23.78 -10.86
CA GLN B 64 7.16 24.99 -10.16
C GLN B 64 8.54 24.84 -9.54
N VAL B 65 8.81 23.67 -8.94
CA VAL B 65 10.11 23.47 -8.29
C VAL B 65 11.23 23.39 -9.33
N LEU B 66 10.96 22.74 -10.46
CA LEU B 66 11.96 22.63 -11.54
C LEU B 66 12.33 23.99 -12.10
N VAL B 67 11.34 24.86 -12.33
CA VAL B 67 11.62 26.20 -12.84
C VAL B 67 12.49 26.97 -11.86
N GLU B 68 12.17 26.89 -10.56
CA GLU B 68 12.98 27.62 -9.59
C GLU B 68 14.40 27.07 -9.54
N PHE B 69 14.56 25.74 -9.55
CA PHE B 69 15.89 25.18 -9.63
C PHE B 69 16.61 25.66 -10.89
N THR B 70 15.92 25.62 -12.04
CA THR B 70 16.55 25.91 -13.33
C THR B 70 17.09 27.33 -13.38
N LYS B 71 16.25 28.32 -13.04
CA LYS B 71 16.67 29.72 -13.03
C LYS B 71 17.98 29.95 -12.28
N LYS B 72 18.24 29.17 -11.25
CA LYS B 72 19.45 29.38 -10.45
C LYS B 72 20.65 28.59 -10.94
N LEU B 73 20.52 27.78 -11.99
CA LEU B 73 21.68 27.05 -12.48
C LEU B 73 22.71 28.06 -12.98
N PRO B 74 23.98 27.92 -12.59
CA PRO B 74 25.00 28.91 -12.99
C PRO B 74 25.08 29.05 -14.50
N GLY B 75 24.98 30.30 -14.97
CA GLY B 75 24.99 30.59 -16.39
C GLY B 75 23.64 30.52 -17.08
N PHE B 76 22.63 29.89 -16.47
CA PHE B 76 21.35 29.75 -17.15
C PHE B 76 20.77 31.12 -17.50
N GLN B 77 20.94 32.10 -16.61
CA GLN B 77 20.43 33.44 -16.85
C GLN B 77 21.11 34.14 -18.03
N THR B 78 22.31 33.70 -18.43
CA THR B 78 22.98 34.32 -19.56
C THR B 78 22.56 33.75 -20.93
N LEU B 79 21.72 32.72 -20.96
CA LEU B 79 21.25 32.18 -22.24
C LEU B 79 20.10 33.02 -22.77
N ASP B 80 19.91 32.96 -24.10
CA ASP B 80 18.82 33.69 -24.72
C ASP B 80 17.48 33.19 -24.18
N HIS B 81 16.51 34.10 -24.07
CA HIS B 81 15.25 33.79 -23.41
C HIS B 81 14.51 32.64 -24.09
N GLU B 82 14.70 32.45 -25.40
CA GLU B 82 14.01 31.35 -26.06
C GLU B 82 14.74 30.02 -25.86
N ASP B 83 16.06 30.04 -25.71
CA ASP B 83 16.75 28.81 -25.37
C ASP B 83 16.45 28.38 -23.94
N GLN B 84 16.25 29.34 -23.02
CA GLN B 84 15.79 29.03 -21.67
C GLN B 84 14.46 28.27 -21.69
N ILE B 85 13.52 28.70 -22.55
CA ILE B 85 12.24 28.01 -22.67
C ILE B 85 12.45 26.61 -23.23
N ALA B 86 13.31 26.49 -24.25
CA ALA B 86 13.52 25.20 -24.90
C ALA B 86 14.17 24.20 -23.95
N LEU B 87 15.03 24.67 -23.05
CA LEU B 87 15.62 23.75 -22.09
C LEU B 87 14.60 23.29 -21.04
N LEU B 88 13.80 24.23 -20.55
CA LEU B 88 12.76 23.92 -19.59
C LEU B 88 11.74 22.93 -20.15
N LYS B 89 11.19 23.22 -21.34
CA LYS B 89 10.23 22.30 -21.98
C LYS B 89 10.86 20.95 -22.29
N GLY B 90 12.11 20.94 -22.79
CA GLY B 90 12.73 19.68 -23.15
C GLY B 90 13.05 18.76 -21.97
N SER B 91 13.27 19.32 -20.78
CA SER B 91 13.72 18.52 -19.65
C SER B 91 12.63 18.18 -18.66
N ALA B 92 11.47 18.85 -18.73
CA ALA B 92 10.43 18.74 -17.71
C ALA B 92 10.10 17.28 -17.36
N VAL B 93 9.84 16.45 -18.37
CA VAL B 93 9.44 15.07 -18.10
C VAL B 93 10.59 14.29 -17.44
N GLU B 94 11.79 14.35 -18.00
CA GLU B 94 12.92 13.63 -17.40
C GLU B 94 13.26 14.17 -15.99
N ALA B 95 13.15 15.48 -15.78
CA ALA B 95 13.49 15.99 -14.46
C ALA B 95 12.43 15.61 -13.43
N MET B 96 11.16 15.55 -13.85
CA MET B 96 10.12 15.07 -12.93
C MET B 96 10.34 13.60 -12.57
N PHE B 97 10.72 12.77 -13.55
CA PHE B 97 10.91 11.36 -13.25
C PHE B 97 12.08 11.15 -12.30
N LEU B 98 13.14 11.94 -12.46
CA LEU B 98 14.31 11.79 -11.61
C LEU B 98 14.00 12.22 -10.18
N ARG B 99 13.38 13.39 -10.01
CA ARG B 99 12.97 13.85 -8.70
C ARG B 99 11.95 12.91 -8.08
N SER B 100 11.07 12.33 -8.91
CA SER B 100 10.12 11.33 -8.41
C SER B 100 10.85 10.11 -7.83
N ALA B 101 11.87 9.62 -8.54
CA ALA B 101 12.65 8.49 -8.06
C ALA B 101 13.30 8.82 -6.71
N GLU B 102 13.76 10.05 -6.52
CA GLU B 102 14.36 10.40 -5.24
C GLU B 102 13.33 10.45 -4.14
N ILE B 103 12.14 11.00 -4.42
CA ILE B 103 11.07 10.99 -3.42
C ILE B 103 10.74 9.55 -3.04
N PHE B 104 10.48 8.72 -4.04
CA PHE B 104 10.07 7.34 -3.83
C PHE B 104 11.11 6.57 -3.02
N ASN B 105 12.38 6.76 -3.34
CA ASN B 105 13.40 5.91 -2.72
C ASN B 105 13.89 6.42 -1.36
N LYS B 106 13.88 7.74 -1.11
CA LYS B 106 14.57 8.28 0.07
C LYS B 106 13.74 9.20 0.97
N LYS B 107 12.64 9.79 0.51
CA LYS B 107 12.01 10.86 1.27
C LYS B 107 10.66 10.47 1.88
N LEU B 108 9.94 9.53 1.28
CA LEU B 108 8.65 9.29 1.91
C LEU B 108 8.70 8.05 2.80
N PRO B 109 8.00 8.04 3.92
CA PRO B 109 7.66 6.76 4.56
C PRO B 109 7.00 5.82 3.55
N SER B 110 7.21 4.51 3.74
CA SER B 110 6.76 3.55 2.73
C SER B 110 5.24 3.44 2.70
N GLY B 111 4.55 3.69 3.82
CA GLY B 111 3.10 3.72 3.79
C GLY B 111 2.53 4.84 2.92
N HIS B 112 3.17 6.01 2.98
CA HIS B 112 2.76 7.14 2.15
C HIS B 112 2.94 6.81 0.68
N SER B 113 4.08 6.18 0.36
CA SER B 113 4.35 5.78 -1.01
C SER B 113 3.33 4.76 -1.51
N ASP B 114 2.89 3.83 -0.65
CA ASP B 114 1.89 2.83 -1.03
C ASP B 114 0.56 3.48 -1.37
N LEU B 115 0.09 4.40 -0.51
CA LEU B 115 -1.15 5.11 -0.80
C LEU B 115 -1.06 5.85 -2.13
N LEU B 116 0.03 6.58 -2.34
CA LEU B 116 0.15 7.38 -3.56
C LEU B 116 0.35 6.48 -4.78
N GLU B 117 1.10 5.39 -4.66
CA GLU B 117 1.14 4.44 -5.78
C GLU B 117 -0.25 3.96 -6.15
N ALA B 118 -1.10 3.65 -5.16
CA ALA B 118 -2.44 3.16 -5.47
C ALA B 118 -3.31 4.25 -6.09
N ARG B 119 -3.12 5.51 -5.69
CA ARG B 119 -3.87 6.59 -6.36
C ARG B 119 -3.45 6.73 -7.81
N ILE B 120 -2.16 6.56 -8.11
CA ILE B 120 -1.70 6.63 -9.50
C ILE B 120 -2.36 5.53 -10.33
N ARG B 121 -2.37 4.30 -9.81
CA ARG B 121 -2.91 3.14 -10.50
C ARG B 121 -4.42 3.15 -10.58
N ASN B 122 -5.06 4.12 -9.95
CA ASN B 122 -6.51 4.26 -10.06
C ASN B 122 -6.87 5.68 -10.43
N SER B 123 -6.17 6.25 -11.40
CA SER B 123 -6.31 7.65 -11.83
C SER B 123 -6.77 7.80 -13.27
N GLY B 124 -7.06 6.71 -13.97
CA GLY B 124 -7.70 6.81 -15.27
C GLY B 124 -6.91 6.24 -16.41
N ILE B 125 -5.91 5.41 -16.13
CA ILE B 125 -4.93 5.00 -17.12
C ILE B 125 -4.50 3.58 -16.82
N SER B 126 -4.08 2.87 -17.87
CA SER B 126 -3.81 1.45 -17.79
C SER B 126 -2.52 1.18 -17.01
N ASP B 127 -2.43 -0.03 -16.49
CA ASP B 127 -1.28 -0.48 -15.71
C ASP B 127 -0.07 -0.79 -16.58
N GLU B 128 -0.21 -0.87 -17.90
CA GLU B 128 0.94 -1.09 -18.77
C GLU B 128 1.85 0.13 -18.83
N TYR B 129 1.34 1.30 -18.43
CA TYR B 129 2.15 2.51 -18.34
C TYR B 129 2.74 2.71 -16.95
N ILE B 130 2.02 2.30 -15.90
CA ILE B 130 2.49 2.54 -14.54
C ILE B 130 3.69 1.66 -14.22
N THR B 131 3.59 0.36 -14.47
CA THR B 131 4.67 -0.54 -14.05
C THR B 131 6.06 -0.14 -14.58
N PRO B 132 6.23 0.29 -15.84
CA PRO B 132 7.57 0.81 -16.23
C PRO B 132 8.04 1.98 -15.36
N MET B 133 7.11 2.77 -14.82
CA MET B 133 7.51 3.89 -13.97
C MET B 133 8.14 3.39 -12.67
N PHE B 134 7.42 2.52 -11.95
CA PHE B 134 7.92 2.02 -10.67
C PHE B 134 9.11 1.10 -10.84
N SER B 135 9.13 0.30 -11.91
CA SER B 135 10.34 -0.47 -12.20
C SER B 135 11.54 0.46 -12.42
N PHE B 136 11.31 1.67 -12.95
CA PHE B 136 12.41 2.60 -13.08
C PHE B 136 12.82 3.14 -11.70
N TYR B 137 11.84 3.53 -10.87
CA TYR B 137 12.14 3.95 -9.50
C TYR B 137 12.98 2.91 -8.77
N LYS B 138 12.62 1.63 -8.92
CA LYS B 138 13.35 0.60 -8.19
C LYS B 138 14.74 0.37 -8.79
N SER B 139 14.83 0.38 -10.11
CA SER B 139 16.15 0.27 -10.74
C SER B 139 17.05 1.41 -10.31
N ILE B 140 16.49 2.62 -10.19
CA ILE B 140 17.28 3.75 -9.71
C ILE B 140 17.61 3.57 -8.24
N GLY B 141 16.70 2.99 -7.48
CA GLY B 141 16.92 2.86 -6.04
C GLY B 141 18.14 2.02 -5.70
N GLU B 142 18.39 0.96 -6.46
CA GLU B 142 19.49 0.04 -6.18
C GLU B 142 20.86 0.65 -6.47
N LEU B 143 20.92 1.81 -7.14
CA LEU B 143 22.18 2.52 -7.28
C LEU B 143 22.59 3.27 -6.01
N LYS B 144 21.75 3.28 -4.99
CA LYS B 144 21.97 3.95 -3.71
C LYS B 144 22.68 5.30 -3.87
N MET B 145 22.05 6.16 -4.67
CA MET B 145 22.63 7.46 -5.00
C MET B 145 22.49 8.44 -3.82
N THR B 146 23.53 9.24 -3.61
CA THR B 146 23.49 10.37 -2.68
C THR B 146 22.65 11.52 -3.25
N GLN B 147 22.31 12.47 -2.38
CA GLN B 147 21.60 13.66 -2.82
C GLN B 147 22.42 14.42 -3.86
N GLU B 148 23.74 14.47 -3.67
CA GLU B 148 24.61 15.15 -4.61
C GLU B 148 24.46 14.58 -6.02
N GLU B 149 24.24 13.27 -6.14
CA GLU B 149 24.13 12.63 -7.44
C GLU B 149 22.79 12.98 -8.10
N TYR B 150 21.69 12.95 -7.33
CA TYR B 150 20.40 13.41 -7.85
C TYR B 150 20.49 14.84 -8.32
N ALA B 151 21.10 15.71 -7.52
CA ALA B 151 21.19 17.13 -7.85
C ALA B 151 22.01 17.35 -9.11
N LEU B 152 23.18 16.71 -9.19
CA LEU B 152 24.05 16.91 -10.35
C LEU B 152 23.40 16.35 -11.61
N LEU B 153 22.81 15.15 -11.50
CA LEU B 153 22.19 14.53 -12.64
C LEU B 153 21.04 15.39 -13.16
N THR B 154 20.24 15.93 -12.23
CA THR B 154 19.15 16.83 -12.61
C THR B 154 19.69 18.04 -13.36
N ALA B 155 20.76 18.65 -12.85
CA ALA B 155 21.36 19.76 -13.56
C ALA B 155 21.83 19.34 -14.95
N ILE B 156 22.32 18.10 -15.10
CA ILE B 156 22.89 17.68 -16.38
C ILE B 156 21.78 17.43 -17.39
N VAL B 157 20.69 16.79 -16.96
CA VAL B 157 19.50 16.64 -17.79
C VAL B 157 18.96 17.98 -18.26
N ILE B 158 18.96 19.00 -17.39
CA ILE B 158 18.35 20.28 -17.74
C ILE B 158 19.21 21.06 -18.74
N LEU B 159 20.53 20.99 -18.59
CA LEU B 159 21.42 21.75 -19.47
C LEU B 159 21.97 20.85 -20.57
N SER B 160 21.05 20.13 -21.24
CA SER B 160 21.42 19.22 -22.31
C SER B 160 21.49 19.97 -23.63
N PRO B 161 22.61 19.91 -24.35
CA PRO B 161 22.70 20.64 -25.63
C PRO B 161 21.95 19.98 -26.79
N ASP B 162 21.21 18.90 -26.55
CA ASP B 162 20.55 18.07 -27.56
C ASP B 162 19.06 18.36 -27.74
N ARG B 163 18.47 19.26 -26.96
CA ARG B 163 17.03 19.45 -27.05
C ARG B 163 16.64 20.13 -28.36
N GLN B 164 15.39 19.94 -28.74
CA GLN B 164 14.88 20.66 -29.91
C GLN B 164 14.83 22.15 -29.60
N TYR B 165 14.95 22.97 -30.67
CA TYR B 165 14.71 24.40 -30.71
C TYR B 165 15.80 25.24 -30.03
N ILE B 166 16.94 24.67 -29.69
CA ILE B 166 18.03 25.46 -29.12
C ILE B 166 18.78 26.14 -30.26
N LYS B 167 18.86 27.46 -30.22
CA LYS B 167 19.62 28.16 -31.26
C LYS B 167 21.13 28.06 -31.02
N ASP B 168 21.57 28.15 -29.77
CA ASP B 168 23.00 28.23 -29.43
C ASP B 168 23.36 27.04 -28.54
N ARG B 169 23.64 25.91 -29.18
CA ARG B 169 23.95 24.69 -28.47
C ARG B 169 25.32 24.70 -27.82
N GLU B 170 26.26 25.47 -28.37
CA GLU B 170 27.58 25.56 -27.77
C GLU B 170 27.52 26.14 -26.36
N ALA B 171 26.73 27.21 -26.17
CA ALA B 171 26.63 27.83 -24.86
C ALA B 171 26.01 26.90 -23.83
N VAL B 172 25.12 25.99 -24.26
CA VAL B 172 24.58 25.01 -23.32
C VAL B 172 25.63 23.97 -22.98
N GLU B 173 26.37 23.47 -23.98
CA GLU B 173 27.38 22.47 -23.68
C GLU B 173 28.48 23.06 -22.80
N LYS B 174 28.78 24.34 -22.92
CA LYS B 174 29.79 24.94 -22.05
C LYS B 174 29.29 24.99 -20.61
N LEU B 175 27.98 25.15 -20.41
CA LEU B 175 27.43 25.07 -19.06
C LEU B 175 27.41 23.63 -18.56
N GLN B 176 27.20 22.65 -19.45
CA GLN B 176 26.97 21.29 -19.00
C GLN B 176 28.26 20.53 -18.71
N GLU B 177 29.37 20.90 -19.34
CA GLU B 177 30.57 20.07 -19.21
C GLU B 177 31.18 20.10 -17.80
N PRO B 178 31.23 21.25 -17.10
CA PRO B 178 31.77 21.19 -15.71
C PRO B 178 30.97 20.26 -14.81
N LEU B 179 29.65 20.19 -15.00
CA LEU B 179 28.81 19.33 -14.15
C LEU B 179 29.19 17.87 -14.31
N LEU B 180 29.56 17.46 -15.52
CA LEU B 180 29.95 16.06 -15.73
C LEU B 180 31.23 15.71 -14.98
N ASP B 181 32.22 16.61 -14.98
CA ASP B 181 33.47 16.31 -14.28
C ASP B 181 33.21 16.13 -12.79
N VAL B 182 32.49 17.09 -12.19
CA VAL B 182 32.10 16.97 -10.78
C VAL B 182 31.37 15.65 -10.53
N LEU B 183 30.43 15.31 -11.41
CA LEU B 183 29.65 14.09 -11.17
C LEU B 183 30.54 12.86 -11.17
N GLN B 184 31.50 12.78 -12.09
CA GLN B 184 32.43 11.66 -12.11
C GLN B 184 33.28 11.62 -10.84
N LYS B 185 33.83 12.76 -10.43
CA LYS B 185 34.57 12.80 -9.17
C LYS B 185 33.69 12.38 -8.00
N LEU B 186 32.43 12.83 -7.97
CA LEU B 186 31.51 12.47 -6.90
C LEU B 186 31.31 10.95 -6.81
N CYS B 187 31.24 10.26 -7.96
CA CYS B 187 31.08 8.81 -7.93
C CYS B 187 32.32 8.08 -7.41
N LYS B 188 33.52 8.63 -7.61
CA LYS B 188 34.70 8.01 -6.99
C LYS B 188 34.71 8.24 -5.49
N ILE B 189 34.33 9.43 -5.06
CA ILE B 189 34.30 9.76 -3.64
C ILE B 189 33.25 8.94 -2.91
N HIS B 190 32.01 8.99 -3.39
CA HIS B 190 30.92 8.39 -2.64
C HIS B 190 30.65 6.93 -3.00
N GLN B 191 31.14 6.47 -4.15
CA GLN B 191 30.99 5.06 -4.55
C GLN B 191 32.34 4.48 -4.98
N PRO B 192 33.36 4.51 -4.10
CA PRO B 192 34.71 4.09 -4.53
C PRO B 192 34.86 2.60 -4.78
N GLU B 193 33.96 1.77 -4.26
CA GLU B 193 34.04 0.33 -4.47
C GLU B 193 33.67 -0.06 -5.90
N ASN B 194 32.82 0.72 -6.57
CA ASN B 194 32.26 0.38 -7.88
C ASN B 194 32.66 1.44 -8.89
N PRO B 195 33.81 1.29 -9.55
CA PRO B 195 34.26 2.32 -10.51
C PRO B 195 33.45 2.37 -11.80
N GLN B 196 32.51 1.44 -12.00
CA GLN B 196 31.56 1.51 -13.10
C GLN B 196 30.29 2.27 -12.72
N HIS B 197 30.30 2.97 -11.58
CA HIS B 197 29.10 3.64 -11.09
C HIS B 197 28.72 4.82 -11.98
N PHE B 198 29.69 5.62 -12.38
CA PHE B 198 29.42 6.78 -13.23
C PHE B 198 28.84 6.35 -14.58
N ALA B 199 29.36 5.27 -15.14
CA ALA B 199 28.77 4.72 -16.36
C ALA B 199 27.33 4.28 -16.12
N CYS B 200 27.06 3.69 -14.94
CA CYS B 200 25.71 3.28 -14.58
C CYS B 200 24.77 4.48 -14.50
N LEU B 201 25.24 5.59 -13.96
CA LEU B 201 24.39 6.78 -13.86
C LEU B 201 24.01 7.29 -15.24
N LEU B 202 25.01 7.64 -16.06
CA LEU B 202 24.74 8.03 -17.43
C LEU B 202 23.91 6.99 -18.18
N GLY B 203 24.05 5.71 -17.84
CA GLY B 203 23.20 4.70 -18.46
C GLY B 203 21.73 4.91 -18.11
N ARG B 204 21.45 5.30 -16.86
CA ARG B 204 20.07 5.60 -16.47
C ARG B 204 19.57 6.87 -17.15
N LEU B 205 20.46 7.81 -17.49
CA LEU B 205 20.06 8.92 -18.34
C LEU B 205 19.41 8.42 -19.63
N THR B 206 19.99 7.38 -20.24
CA THR B 206 19.42 6.82 -21.47
C THR B 206 18.04 6.22 -21.20
N GLU B 207 17.90 5.46 -20.10
CA GLU B 207 16.59 4.94 -19.73
C GLU B 207 15.59 6.07 -19.53
N LEU B 208 16.05 7.16 -18.92
CA LEU B 208 15.18 8.28 -18.59
C LEU B 208 14.60 8.91 -19.86
N ARG B 209 15.43 9.11 -20.88
CA ARG B 209 14.95 9.73 -22.11
C ARG B 209 13.82 8.92 -22.76
N THR B 210 13.73 7.61 -22.50
CA THR B 210 12.65 6.83 -23.12
C THR B 210 11.29 7.22 -22.57
N PHE B 211 11.23 7.71 -21.33
CA PHE B 211 9.97 8.11 -20.73
C PHE B 211 9.39 9.37 -21.35
N ASN B 212 10.17 10.10 -22.17
CA ASN B 212 9.58 11.17 -22.98
C ASN B 212 8.46 10.62 -23.86
N HIS B 213 8.73 9.53 -24.58
CA HIS B 213 7.71 8.96 -25.47
C HIS B 213 6.62 8.29 -24.66
N HIS B 214 7.03 7.51 -23.66
CA HIS B 214 6.10 6.92 -22.70
C HIS B 214 5.14 7.95 -22.13
N HIS B 215 5.67 9.10 -21.72
CA HIS B 215 4.82 10.10 -21.08
C HIS B 215 3.82 10.68 -22.06
N ALA B 216 4.27 10.99 -23.28
CA ALA B 216 3.37 11.48 -24.32
C ALA B 216 2.26 10.47 -24.62
N GLU B 217 2.58 9.18 -24.63
CA GLU B 217 1.52 8.19 -24.81
C GLU B 217 0.50 8.28 -23.69
N MET B 218 0.98 8.35 -22.44
CA MET B 218 0.07 8.43 -21.29
C MET B 218 -0.83 9.66 -21.37
N LEU B 219 -0.30 10.77 -21.87
CA LEU B 219 -1.12 11.98 -21.98
C LEU B 219 -2.28 11.75 -22.92
N MET B 220 -2.04 11.05 -24.04
CA MET B 220 -3.10 10.79 -25.00
C MET B 220 -4.21 9.96 -24.38
N SER B 221 -3.85 9.01 -23.50
CA SER B 221 -4.87 8.16 -22.89
C SER B 221 -5.71 8.93 -21.87
N TRP B 222 -5.06 9.77 -21.05
CA TRP B 222 -5.83 10.60 -20.12
C TRP B 222 -6.78 11.54 -20.86
N ARG B 223 -6.36 12.02 -22.05
CA ARG B 223 -7.24 12.90 -22.83
C ARG B 223 -8.40 12.14 -23.44
N VAL B 224 -8.21 10.87 -23.81
CA VAL B 224 -9.34 10.15 -24.39
C VAL B 224 -10.37 9.80 -23.31
N ASN B 225 -9.93 9.68 -22.05
CA ASN B 225 -10.86 9.37 -20.97
C ASN B 225 -11.36 10.62 -20.27
N ASP B 226 -11.25 11.79 -20.92
CA ASP B 226 -11.87 13.04 -20.49
C ASP B 226 -11.19 13.70 -19.29
N HIS B 227 -9.90 13.46 -19.10
CA HIS B 227 -9.16 14.11 -18.02
C HIS B 227 -8.50 15.38 -18.56
N LYS B 228 -8.69 16.48 -17.86
CA LYS B 228 -8.17 17.78 -18.30
C LYS B 228 -7.08 18.25 -17.35
N PHE B 229 -6.06 18.89 -17.92
CA PHE B 229 -4.85 19.24 -17.19
C PHE B 229 -4.85 20.71 -16.79
N THR B 230 -4.04 21.02 -15.77
CA THR B 230 -3.88 22.37 -15.23
C THR B 230 -3.14 23.28 -16.22
N PRO B 231 -3.28 24.60 -16.08
CA PRO B 231 -2.63 25.50 -17.08
C PRO B 231 -1.13 25.30 -17.20
N LEU B 232 -0.41 25.19 -16.08
CA LEU B 232 1.03 25.00 -16.16
C LEU B 232 1.41 23.68 -16.86
N LEU B 233 0.67 22.59 -16.59
CA LEU B 233 0.98 21.35 -17.27
C LEU B 233 0.68 21.45 -18.78
N CYS B 234 -0.43 22.11 -19.14
CA CYS B 234 -0.72 22.30 -20.56
C CYS B 234 0.42 23.02 -21.28
N GLU B 235 0.93 24.07 -20.65
CA GLU B 235 1.98 24.82 -21.34
C GLU B 235 3.29 24.06 -21.35
N ILE B 236 3.65 23.41 -20.23
CA ILE B 236 4.98 22.83 -20.25
C ILE B 236 5.00 21.51 -21.01
N TRP B 237 3.88 20.80 -21.10
CA TRP B 237 3.84 19.52 -21.78
C TRP B 237 3.21 19.58 -23.18
N ASP B 238 2.78 20.76 -23.66
CA ASP B 238 2.20 20.91 -25.01
C ASP B 238 0.93 20.09 -25.21
N VAL B 239 0.05 20.01 -24.22
CA VAL B 239 -1.16 19.23 -24.46
C VAL B 239 -2.21 20.08 -25.16
N GLY B 240 -2.33 21.35 -24.79
CA GLY B 240 -3.24 22.26 -25.48
C GLY B 240 -2.71 22.80 -26.79
N SER B 245 11.71 27.43 -27.88
CA SER B 245 10.34 27.70 -28.36
C SER B 245 9.96 29.16 -28.10
N GLY B 246 8.94 29.63 -28.82
CA GLY B 246 8.68 31.06 -28.90
C GLY B 246 8.27 31.63 -27.56
N SER B 247 8.73 32.85 -27.28
CA SER B 247 8.39 33.50 -26.02
C SER B 247 6.93 33.93 -25.98
N GLY B 248 6.37 34.34 -27.12
CA GLY B 248 4.97 34.72 -27.22
C GLY B 248 3.99 33.57 -27.22
N ASP B 249 4.48 32.33 -27.35
CA ASP B 249 3.66 31.15 -27.21
C ASP B 249 3.66 30.58 -25.79
N HIS B 250 4.56 31.03 -24.93
CA HIS B 250 4.71 30.49 -23.58
C HIS B 250 4.73 31.64 -22.58
N GLN B 251 3.61 32.34 -22.44
CA GLN B 251 3.58 33.46 -21.54
C GLN B 251 3.68 32.99 -20.09
N LEU B 252 3.08 31.84 -19.75
CA LEU B 252 3.16 31.34 -18.38
C LEU B 252 4.59 30.93 -18.03
N LEU B 253 5.25 30.17 -18.90
CA LEU B 253 6.64 29.79 -18.63
C LEU B 253 7.54 31.03 -18.53
N ARG B 254 7.42 31.95 -19.50
CA ARG B 254 8.19 33.20 -19.45
C ARG B 254 7.96 33.93 -18.13
N TYR B 255 6.70 34.00 -17.68
CA TYR B 255 6.39 34.65 -16.41
C TYR B 255 7.10 33.98 -15.25
N LEU B 256 6.99 32.64 -15.15
CA LEU B 256 7.68 31.95 -14.05
C LEU B 256 9.19 32.09 -14.18
N LEU B 257 9.70 32.15 -15.41
CA LEU B 257 11.13 32.40 -15.62
C LEU B 257 11.53 33.83 -15.24
N ASP B 258 10.56 34.76 -15.23
CA ASP B 258 10.81 36.21 -15.09
C ASP B 258 11.58 36.73 -16.29
CAE XAW C . -8.04 -5.11 15.26
CAF XAW C . -7.93 -3.99 17.51
CAG XAW C . -7.67 -2.67 15.43
CAH XAW C . -9.90 -3.59 16.01
CAI XAW C . -7.61 -5.29 16.74
CAJ XAW C . -7.31 -3.93 14.66
CAK XAW C . -9.58 -4.90 15.28
CAL XAW C . -7.23 -2.81 16.87
CAM XAW C . -9.46 -3.69 17.50
CAN XAW C . -9.18 -2.44 15.33
CAO XAW C . -7.62 -6.39 14.51
CAP XAW C . -7.50 -7.97 12.60
CAQ XAW C . -8.77 -5.85 12.24
CAR XAW C . -6.73 -7.71 11.30
CAS XAW C . -8.02 -5.60 10.94
CAT XAW C . -7.81 -7.32 9.11
CAU XAW C . -9.04 -7.56 8.71
CAV XAW C . -6.64 -7.49 8.17
CAW XAW C . -9.30 -8.02 7.28
CAY XAW C . -6.85 -7.87 6.93
CAZ XAW C . -8.27 -8.18 6.45
NAC XAW C . -7.98 -6.70 13.12
NAD XAW C . -7.52 -6.87 10.46
NAX XAW C . -10.14 -7.39 9.64
OAB XAW C . -6.97 -7.19 15.09
CLAA XAW C . -5.41 -8.04 5.88
CAE XAW D . 5.57 10.49 -7.00
CAF XAW D . 6.58 8.25 -6.54
CAG XAW D . 6.02 9.79 -4.66
CAH XAW D . 4.18 8.69 -5.92
CAI XAW D . 6.60 9.44 -7.54
CAJ XAW D . 5.99 10.96 -5.63
CAK XAW D . 4.15 9.88 -6.91
CAL XAW D . 7.00 8.74 -5.17
CAM XAW D . 5.17 7.61 -6.48
CAN XAW D . 4.65 9.17 -4.56
CAO XAW D . 5.46 11.77 -7.84
CAP XAW D . 4.88 10.62 -10.08
CAQ XAW D . 5.02 13.14 -9.80
CAR XAW D . 3.63 10.72 -10.91
CAS XAW D . 4.24 13.20 -11.12
CAT XAW D . 2.91 12.08 -12.87
CAU XAW D . 3.26 11.37 -13.92
CAV XAW D . 1.74 13.05 -12.93
CAW XAW D . 2.46 11.54 -15.20
CAY XAW D . 1.05 13.20 -14.04
CAZ XAW D . 1.43 12.39 -15.26
NAC XAW D . 5.11 11.82 -9.26
NAD XAW D . 3.62 11.98 -11.61
NAX XAW D . 4.37 10.46 -13.87
OAB XAW D . 5.63 12.79 -7.30
CLAA XAW D . -0.33 14.34 -14.07
#